data_2QC1
#
_entry.id   2QC1
#
_cell.length_a   42.498
_cell.length_b   85.680
_cell.length_c   95.150
_cell.angle_alpha   90.00
_cell.angle_beta   90.00
_cell.angle_gamma   90.00
#
_symmetry.space_group_name_H-M   'P 21 21 21'
#
loop_
_entity.id
_entity.type
_entity.pdbx_description
1 polymer Alpha-bungarotoxin
2 polymer 'Acetylcholine receptor subunit alpha'
3 branched alpha-D-mannopyranose-(1-2)-alpha-D-mannopyranose-(1-2)-alpha-D-mannopyranose-(1-3)-[alpha-D-mannopyranose-(1-2)-alpha-D-mannopyranose-(1-6)-[alpha-D-mannopyranose-(1-3)]alpha-D-mannopyranose-(1-6)]alpha-D-mannopyranose-(1-4)-2-acetamido-2-deoxy-beta-D-glucopyranose-(1-4)-2-acetamido-2-deoxy-beta-D-glucopyranose
4 water water
#
loop_
_entity_poly.entity_id
_entity_poly.type
_entity_poly.pdbx_seq_one_letter_code
_entity_poly.pdbx_strand_id
1 'polypeptide(L)' IVCHTTATSPISAVTCPPGENLCYRKMWCDVFCSSRGKVVELGCAATCPSKKPYEEVTCCSTDKCNPHPKQRPG A
2 'polypeptide(L)'
;KSEHETRLEAKLFEDYSSVVRPVEDHREIVQVTVGLQLIQLINVDEVNQIVTTNVRLKQQWVDYNLKWNPDDYGGVKKIH
IPSEKIWRPDVVLYNNADGDFAIVKFTKVLLDYTGHITWTPPAIFKSYCEIIVTHFPFDEQNCSMKLGTRTYDGSAVAIN
PESDQPDLSNFMESGEWVIKEARGWKHWVFYSCCPTTPYLDITYHFVMQRLP
;
B
#
# COMPACT_ATOMS: atom_id res chain seq x y z
N ILE A 1 -15.64 26.08 -16.58
CA ILE A 1 -16.12 24.68 -16.70
C ILE A 1 -15.91 23.91 -15.41
N VAL A 2 -16.95 23.17 -15.01
CA VAL A 2 -16.92 22.37 -13.79
C VAL A 2 -16.63 20.93 -14.15
N CYS A 3 -15.63 20.38 -13.46
CA CYS A 3 -15.14 19.05 -13.71
C CYS A 3 -15.15 18.11 -12.49
N HIS A 4 -15.33 16.81 -12.68
CA HIS A 4 -15.26 15.87 -11.53
C HIS A 4 -13.77 15.65 -11.30
N THR A 5 -13.39 15.34 -10.06
CA THR A 5 -11.99 15.12 -9.75
C THR A 5 -11.77 14.03 -8.72
N THR A 6 -10.73 13.22 -8.91
CA THR A 6 -10.39 12.16 -7.98
C THR A 6 -9.24 12.62 -7.07
N ALA A 7 -8.95 13.92 -7.12
CA ALA A 7 -7.91 14.52 -6.30
C ALA A 7 -8.45 14.66 -4.88
N THR A 8 -9.76 14.45 -4.73
CA THR A 8 -10.41 14.51 -3.43
C THR A 8 -11.10 13.17 -3.15
N SER A 9 -11.30 12.85 -1.87
CA SER A 9 -11.99 11.63 -1.49
C SER A 9 -12.98 11.99 -0.39
N PRO A 10 -14.28 11.82 -0.65
CA PRO A 10 -14.87 11.31 -1.90
C PRO A 10 -14.66 12.20 -3.12
N ILE A 11 -14.97 11.64 -4.28
CA ILE A 11 -14.85 12.34 -5.54
C ILE A 11 -15.73 13.59 -5.44
N SER A 12 -15.27 14.69 -6.03
CA SER A 12 -16.02 15.93 -5.96
C SER A 12 -15.98 16.66 -7.29
N ALA A 13 -16.76 17.73 -7.38
CA ALA A 13 -16.81 18.55 -8.59
C ALA A 13 -16.15 19.88 -8.26
N VAL A 14 -15.28 20.36 -9.14
CA VAL A 14 -14.61 21.64 -8.91
C VAL A 14 -14.54 22.53 -10.14
N THR A 15 -14.50 23.85 -9.90
CA THR A 15 -14.41 24.81 -10.98
C THR A 15 -12.97 24.68 -11.44
N CYS A 16 -12.85 24.28 -12.69
CA CYS A 16 -11.59 24.02 -13.36
C CYS A 16 -10.82 25.46 -13.37
N PRO A 17 -9.46 25.54 -13.10
CA PRO A 17 -8.66 26.78 -13.05
C PRO A 17 -8.42 27.51 -14.38
N PRO A 18 -7.91 28.74 -14.31
CA PRO A 18 -7.72 29.35 -15.65
C PRO A 18 -6.80 28.59 -16.56
N GLY A 19 -7.16 28.35 -17.82
CA GLY A 19 -6.26 27.59 -18.70
C GLY A 19 -6.77 26.18 -18.85
N GLU A 20 -7.31 25.64 -17.77
CA GLU A 20 -7.84 24.27 -17.82
C GLU A 20 -9.28 24.42 -18.25
N ASN A 21 -9.60 24.03 -19.49
CA ASN A 21 -10.94 24.18 -20.06
C ASN A 21 -11.61 22.85 -20.41
N LEU A 22 -10.89 21.74 -20.19
CA LEU A 22 -11.40 20.41 -20.48
C LEU A 22 -11.52 19.57 -19.23
N CYS A 23 -12.44 18.65 -19.26
CA CYS A 23 -12.55 17.75 -18.13
C CYS A 23 -12.13 16.42 -18.80
N TYR A 24 -11.43 15.55 -18.07
CA TYR A 24 -10.95 14.30 -18.63
C TYR A 24 -11.15 13.13 -17.67
N ARG A 25 -11.09 11.93 -18.22
CA ARG A 25 -11.22 10.69 -17.46
C ARG A 25 -10.24 9.69 -18.04
N LYS A 26 -9.35 9.20 -17.18
CA LYS A 26 -8.35 8.22 -17.56
C LYS A 26 -8.65 6.93 -16.81
N MET A 27 -8.54 5.81 -17.51
CA MET A 27 -8.77 4.52 -16.88
C MET A 27 -7.78 3.51 -17.43
N TRP A 28 -7.30 2.64 -16.55
CA TRP A 28 -6.36 1.62 -16.94
C TRP A 28 -6.41 0.50 -15.93
N CYS A 29 -5.95 -0.67 -16.37
CA CYS A 29 -5.93 -1.85 -15.55
C CYS A 29 -4.63 -1.99 -14.77
N ASP A 30 -4.73 -2.33 -13.49
CA ASP A 30 -3.54 -2.62 -12.71
C ASP A 30 -3.74 -4.07 -12.30
N VAL A 31 -2.98 -4.59 -11.34
CA VAL A 31 -3.14 -6.00 -10.97
C VAL A 31 -4.53 -6.40 -10.45
N PHE A 32 -5.34 -5.45 -10.01
CA PHE A 32 -6.66 -5.79 -9.48
C PHE A 32 -7.81 -5.62 -10.48
N CYS A 33 -7.49 -5.48 -11.76
CA CYS A 33 -8.54 -5.26 -12.75
C CYS A 33 -9.66 -6.28 -12.77
N SER A 34 -9.31 -7.56 -12.75
CA SER A 34 -10.32 -8.61 -12.80
C SER A 34 -11.38 -8.50 -11.70
N SER A 35 -11.03 -7.94 -10.56
CA SER A 35 -12.00 -7.81 -9.48
C SER A 35 -12.55 -6.40 -9.26
N ARG A 36 -11.68 -5.40 -9.21
CA ARG A 36 -12.11 -4.00 -8.97
C ARG A 36 -12.39 -3.19 -10.24
N GLY A 37 -12.07 -3.75 -11.41
CA GLY A 37 -12.27 -2.98 -12.62
C GLY A 37 -11.09 -2.02 -12.77
N LYS A 38 -11.13 -1.18 -13.79
CA LYS A 38 -10.03 -0.26 -14.06
C LYS A 38 -9.89 0.87 -13.07
N VAL A 39 -8.65 1.35 -12.92
CA VAL A 39 -8.35 2.46 -12.05
C VAL A 39 -9.00 3.66 -12.74
N VAL A 40 -9.57 4.57 -11.96
CA VAL A 40 -10.22 5.76 -12.51
C VAL A 40 -9.56 7.05 -12.02
N GLU A 41 -9.18 7.91 -12.95
CA GLU A 41 -8.56 9.19 -12.63
C GLU A 41 -9.36 10.26 -13.37
N LEU A 42 -9.86 11.25 -12.62
CA LEU A 42 -10.67 12.32 -13.19
C LEU A 42 -10.11 13.68 -12.83
N GLY A 43 -10.19 14.64 -13.76
CA GLY A 43 -9.68 15.96 -13.47
C GLY A 43 -9.87 17.00 -14.55
N CYS A 44 -9.17 18.12 -14.38
CA CYS A 44 -9.16 19.28 -15.28
C CYS A 44 -7.94 19.21 -16.14
N ALA A 45 -7.99 19.82 -17.32
CA ALA A 45 -6.82 19.85 -18.19
C ALA A 45 -6.95 20.94 -19.26
N ALA A 46 -5.81 21.51 -19.66
CA ALA A 46 -5.80 22.54 -20.69
C ALA A 46 -5.93 21.83 -22.03
N THR A 47 -5.25 20.69 -22.13
CA THR A 47 -5.26 19.87 -23.33
C THR A 47 -5.33 18.40 -22.95
N CYS A 48 -6.02 17.61 -23.77
CA CYS A 48 -6.18 16.18 -23.50
C CYS A 48 -4.85 15.49 -23.19
N PRO A 49 -4.79 14.78 -22.05
CA PRO A 49 -3.60 14.05 -21.60
C PRO A 49 -3.23 12.92 -22.56
N SER A 50 -1.94 12.75 -22.81
CA SER A 50 -1.48 11.72 -23.72
C SER A 50 -1.96 10.37 -23.25
N LYS A 51 -2.39 9.57 -24.21
CA LYS A 51 -2.87 8.25 -23.88
C LYS A 51 -1.76 7.26 -24.13
N LYS A 52 -1.76 6.18 -23.35
CA LYS A 52 -0.77 5.14 -23.52
C LYS A 52 -1.51 3.93 -24.06
N PRO A 53 -0.77 2.85 -24.42
CA PRO A 53 -1.25 1.58 -24.94
C PRO A 53 -2.14 1.02 -23.82
N TYR A 54 -1.74 1.25 -22.58
CA TYR A 54 -2.51 0.76 -21.45
C TYR A 54 -3.37 1.78 -20.72
N GLU A 55 -3.59 2.92 -21.38
CA GLU A 55 -4.39 3.97 -20.81
C GLU A 55 -5.55 4.23 -21.73
N GLU A 56 -6.66 4.66 -21.15
CA GLU A 56 -7.86 4.99 -21.89
C GLU A 56 -8.22 6.38 -21.38
N VAL A 57 -8.06 7.38 -22.25
CA VAL A 57 -8.34 8.75 -21.88
C VAL A 57 -9.36 9.38 -22.79
N THR A 58 -10.37 9.99 -22.20
CA THR A 58 -11.40 10.67 -22.95
C THR A 58 -11.53 12.09 -22.39
N CYS A 59 -11.73 13.05 -23.29
CA CYS A 59 -11.85 14.44 -22.91
C CYS A 59 -13.20 15.02 -23.34
N CYS A 60 -13.61 16.12 -22.71
CA CYS A 60 -14.89 16.76 -23.05
C CYS A 60 -14.96 18.21 -22.57
N SER A 61 -16.00 18.94 -22.98
CA SER A 61 -16.12 20.36 -22.61
C SER A 61 -17.41 20.80 -21.93
N THR A 62 -18.19 19.85 -21.44
CA THR A 62 -19.45 20.19 -20.77
C THR A 62 -19.28 19.98 -19.26
N ASP A 63 -20.08 20.69 -18.47
CA ASP A 63 -19.99 20.57 -17.01
C ASP A 63 -20.17 19.15 -16.52
N LYS A 64 -19.24 18.70 -15.69
CA LYS A 64 -19.29 17.36 -15.10
C LYS A 64 -19.48 16.24 -16.12
N CYS A 65 -18.83 16.37 -17.28
CA CYS A 65 -18.95 15.37 -18.33
C CYS A 65 -17.95 14.22 -18.17
N ASN A 66 -17.23 14.19 -17.05
CA ASN A 66 -16.23 13.16 -16.78
C ASN A 66 -16.49 12.47 -15.44
N PRO A 67 -17.70 11.95 -15.23
CA PRO A 67 -17.99 11.28 -13.96
C PRO A 67 -17.35 9.90 -13.83
N HIS A 68 -17.41 9.35 -12.61
CA HIS A 68 -16.90 8.01 -12.36
C HIS A 68 -17.71 7.17 -13.37
N PRO A 69 -17.09 6.15 -13.98
CA PRO A 69 -17.83 5.35 -14.96
C PRO A 69 -19.19 4.80 -14.51
N LYS A 70 -19.40 4.69 -13.21
CA LYS A 70 -20.67 4.18 -12.70
C LYS A 70 -21.71 5.24 -12.40
N GLN A 71 -21.41 6.49 -12.72
CA GLN A 71 -22.38 7.54 -12.46
C GLN A 71 -22.66 8.38 -13.69
N ARG A 72 -23.88 8.91 -13.75
CA ARG A 72 -24.32 9.74 -14.85
C ARG A 72 -23.57 11.06 -14.93
N PRO A 73 -23.24 11.50 -16.16
CA PRO A 73 -22.52 12.76 -16.35
C PRO A 73 -23.47 13.94 -16.23
N GLY A 74 -22.91 15.12 -16.01
CA GLY A 74 -23.72 16.32 -15.89
C GLY A 74 -23.93 16.77 -14.46
N LYS B 1 5.93 -18.31 33.19
CA LYS B 1 6.81 -18.53 32.01
C LYS B 1 6.09 -19.37 30.94
N SER B 2 6.83 -20.30 30.35
CA SER B 2 6.32 -21.19 29.31
C SER B 2 5.05 -21.94 29.72
N GLU B 3 4.86 -22.17 31.01
CA GLU B 3 3.66 -22.88 31.47
C GLU B 3 2.45 -21.97 31.28
N HIS B 4 2.60 -20.70 31.63
CA HIS B 4 1.51 -19.74 31.49
C HIS B 4 1.25 -19.31 30.04
N GLU B 5 2.31 -19.14 29.25
CA GLU B 5 2.16 -18.74 27.86
C GLU B 5 1.33 -19.76 27.10
N THR B 6 1.62 -21.04 27.33
CA THR B 6 0.88 -22.13 26.69
C THR B 6 -0.59 -21.99 27.04
N ARG B 7 -0.84 -21.64 28.30
CA ARG B 7 -2.18 -21.49 28.83
C ARG B 7 -2.99 -20.38 28.17
N LEU B 8 -2.40 -19.19 28.14
CA LEU B 8 -3.06 -18.03 27.53
C LEU B 8 -3.29 -18.19 26.03
N GLU B 9 -2.40 -18.92 25.34
CA GLU B 9 -2.60 -19.09 23.90
C GLU B 9 -3.85 -19.92 23.65
N ALA B 10 -4.04 -20.96 24.45
CA ALA B 10 -5.22 -21.79 24.30
C ALA B 10 -6.45 -20.94 24.58
N LYS B 11 -6.38 -20.14 25.64
CA LYS B 11 -7.48 -19.28 26.03
C LYS B 11 -7.88 -18.30 24.92
N LEU B 12 -6.87 -17.61 24.39
CA LEU B 12 -7.10 -16.62 23.33
C LEU B 12 -7.79 -17.17 22.08
N PHE B 13 -7.43 -18.39 21.69
CA PHE B 13 -8.01 -18.96 20.48
C PHE B 13 -9.12 -20.00 20.63
N GLU B 14 -9.66 -20.15 21.83
CA GLU B 14 -10.74 -21.13 22.05
C GLU B 14 -12.00 -20.77 21.26
N ASP B 15 -12.16 -19.49 20.96
CA ASP B 15 -13.33 -19.01 20.22
C ASP B 15 -12.91 -17.78 19.45
N TYR B 16 -11.98 -17.97 18.52
CA TYR B 16 -11.45 -16.87 17.73
C TYR B 16 -11.68 -17.08 16.24
N SER B 17 -11.91 -15.99 15.51
CA SER B 17 -12.12 -16.07 14.06
C SER B 17 -11.16 -15.14 13.31
N SER B 18 -10.35 -15.72 12.44
CA SER B 18 -9.39 -14.93 11.68
C SER B 18 -9.97 -14.43 10.38
N VAL B 19 -11.23 -14.76 10.13
CA VAL B 19 -11.92 -14.38 8.91
C VAL B 19 -12.61 -13.02 8.98
N VAL B 20 -12.91 -12.56 10.19
CA VAL B 20 -13.58 -11.26 10.35
C VAL B 20 -12.64 -10.22 10.96
N ARG B 21 -12.85 -8.96 10.59
CA ARG B 21 -12.00 -7.89 11.10
C ARG B 21 -12.12 -7.82 12.62
N PRO B 22 -10.98 -7.72 13.32
CA PRO B 22 -10.89 -7.66 14.79
C PRO B 22 -11.36 -6.37 15.45
N VAL B 23 -12.59 -5.97 15.16
CA VAL B 23 -13.17 -4.78 15.78
C VAL B 23 -14.45 -5.23 16.48
N GLU B 24 -14.82 -4.55 17.55
CA GLU B 24 -16.02 -4.94 18.28
C GLU B 24 -17.30 -4.68 17.50
N ASP B 25 -17.33 -3.58 16.74
CA ASP B 25 -18.48 -3.22 15.91
C ASP B 25 -17.97 -3.07 14.48
N HIS B 26 -18.66 -3.68 13.53
CA HIS B 26 -18.24 -3.66 12.13
C HIS B 26 -18.14 -2.27 11.49
N ARG B 27 -18.68 -1.25 12.15
CA ARG B 27 -18.62 0.11 11.61
C ARG B 27 -17.21 0.66 11.72
N GLU B 28 -16.49 0.18 12.72
CA GLU B 28 -15.12 0.61 12.98
C GLU B 28 -14.20 0.25 11.82
N ILE B 29 -13.24 1.13 11.55
CA ILE B 29 -12.25 0.91 10.50
C ILE B 29 -10.97 0.49 11.21
N VAL B 30 -10.42 -0.66 10.83
CA VAL B 30 -9.19 -1.11 11.47
C VAL B 30 -8.03 -0.22 11.05
N GLN B 31 -7.29 0.28 12.03
CA GLN B 31 -6.16 1.15 11.75
C GLN B 31 -4.87 0.33 11.75
N VAL B 32 -4.19 0.29 10.62
CA VAL B 32 -2.96 -0.46 10.49
C VAL B 32 -1.78 0.46 10.17
N THR B 33 -0.76 0.43 11.02
CA THR B 33 0.44 1.25 10.80
C THR B 33 1.38 0.41 9.96
N VAL B 34 1.78 0.93 8.80
CA VAL B 34 2.67 0.22 7.89
C VAL B 34 4.01 0.92 7.73
N GLY B 35 5.10 0.16 7.85
CA GLY B 35 6.42 0.72 7.71
C GLY B 35 7.34 -0.21 6.94
N LEU B 36 7.83 0.25 5.80
CA LEU B 36 8.72 -0.58 4.98
C LEU B 36 10.16 -0.41 5.45
N GLN B 37 10.85 -1.53 5.64
CA GLN B 37 12.24 -1.51 6.05
C GLN B 37 13.04 -2.10 4.89
N LEU B 38 13.97 -1.33 4.33
CA LEU B 38 14.80 -1.80 3.24
C LEU B 38 16.01 -2.50 3.84
N ILE B 39 16.25 -3.75 3.44
CA ILE B 39 17.37 -4.50 4.00
C ILE B 39 18.58 -4.56 3.08
N GLN B 40 18.37 -4.95 1.83
CA GLN B 40 19.49 -5.06 0.91
C GLN B 40 19.05 -5.19 -0.54
N LEU B 41 19.78 -4.52 -1.43
CA LEU B 41 19.52 -4.60 -2.87
C LEU B 41 20.25 -5.90 -3.20
N ILE B 42 19.55 -6.87 -3.77
CA ILE B 42 20.20 -8.14 -4.08
C ILE B 42 20.43 -8.42 -5.57
N ASN B 43 19.69 -7.77 -6.44
CA ASN B 43 19.87 -7.97 -7.88
C ASN B 43 19.49 -6.73 -8.66
N VAL B 44 20.31 -6.40 -9.64
CA VAL B 44 20.07 -5.25 -10.49
C VAL B 44 20.10 -5.72 -11.94
N ASP B 45 18.97 -5.57 -12.63
CA ASP B 45 18.85 -5.96 -14.03
C ASP B 45 18.76 -4.65 -14.81
N GLU B 46 19.88 -4.21 -15.37
CA GLU B 46 19.92 -2.95 -16.10
C GLU B 46 19.24 -2.93 -17.46
N VAL B 47 19.05 -4.10 -18.08
CA VAL B 47 18.41 -4.14 -19.38
C VAL B 47 16.90 -3.93 -19.25
N ASN B 48 16.31 -4.50 -18.20
CA ASN B 48 14.88 -4.37 -17.99
C ASN B 48 14.59 -3.30 -16.93
N GLN B 49 15.64 -2.77 -16.32
CA GLN B 49 15.51 -1.75 -15.28
C GLN B 49 14.66 -2.31 -14.14
N ILE B 50 15.05 -3.47 -13.64
CA ILE B 50 14.35 -4.10 -12.54
C ILE B 50 15.37 -4.37 -11.44
N VAL B 51 15.00 -4.06 -10.21
CA VAL B 51 15.87 -4.30 -9.08
C VAL B 51 15.15 -5.22 -8.10
N THR B 52 15.88 -6.17 -7.53
CA THR B 52 15.32 -7.11 -6.59
C THR B 52 15.85 -6.70 -5.22
N THR B 53 14.96 -6.56 -4.26
CA THR B 53 15.38 -6.12 -2.93
C THR B 53 14.84 -6.98 -1.82
N ASN B 54 15.63 -7.11 -0.75
CA ASN B 54 15.21 -7.86 0.43
C ASN B 54 14.62 -6.81 1.39
N VAL B 55 13.38 -7.02 1.82
CA VAL B 55 12.74 -6.06 2.71
C VAL B 55 12.01 -6.74 3.84
N ARG B 56 11.41 -5.92 4.70
CA ARG B 56 10.58 -6.39 5.80
C ARG B 56 9.45 -5.36 5.83
N LEU B 57 8.22 -5.84 5.95
CA LEU B 57 7.10 -4.90 6.01
C LEU B 57 6.50 -4.93 7.41
N LYS B 58 6.93 -3.98 8.24
CA LYS B 58 6.45 -3.89 9.61
C LYS B 58 5.00 -3.42 9.62
N GLN B 59 4.13 -4.19 10.26
CA GLN B 59 2.72 -3.84 10.32
C GLN B 59 2.28 -3.90 11.78
N GLN B 60 1.48 -2.93 12.20
CA GLN B 60 1.00 -2.86 13.56
C GLN B 60 -0.48 -2.52 13.59
N TRP B 61 -1.24 -3.23 14.41
CA TRP B 61 -2.66 -2.98 14.55
C TRP B 61 -3.10 -3.65 15.84
N VAL B 62 -4.29 -3.33 16.31
CA VAL B 62 -4.80 -3.91 17.54
C VAL B 62 -5.89 -4.91 17.22
N ASP B 63 -5.85 -6.07 17.87
CA ASP B 63 -6.88 -7.08 17.67
C ASP B 63 -7.73 -7.06 18.93
N TYR B 64 -8.94 -6.55 18.79
CA TYR B 64 -9.86 -6.44 19.91
C TYR B 64 -9.98 -7.69 20.78
N ASN B 65 -10.07 -8.85 20.13
CA ASN B 65 -10.24 -10.11 20.84
C ASN B 65 -8.99 -10.81 21.37
N LEU B 66 -7.84 -10.16 21.28
CA LEU B 66 -6.62 -10.79 21.77
C LEU B 66 -6.01 -10.10 22.98
N LYS B 67 -6.87 -9.71 23.93
CA LYS B 67 -6.41 -9.06 25.16
C LYS B 67 -6.45 -10.02 26.34
N TRP B 68 -5.77 -9.67 27.42
CA TRP B 68 -5.75 -10.49 28.62
C TRP B 68 -5.18 -9.69 29.79
N ASN B 69 -5.14 -10.30 30.96
CA ASN B 69 -4.61 -9.63 32.15
C ASN B 69 -3.32 -10.33 32.57
N PRO B 70 -2.18 -9.62 32.50
CA PRO B 70 -0.89 -10.19 32.89
C PRO B 70 -0.91 -10.94 34.22
N ASP B 71 -1.69 -10.44 35.17
CA ASP B 71 -1.79 -11.06 36.49
C ASP B 71 -2.40 -12.46 36.43
N ASP B 72 -3.25 -12.69 35.43
CA ASP B 72 -3.90 -13.99 35.27
C ASP B 72 -2.98 -15.02 34.63
N TYR B 73 -1.80 -14.59 34.20
CA TYR B 73 -0.84 -15.50 33.57
C TYR B 73 0.60 -15.29 34.00
N GLY B 74 0.81 -15.27 35.32
CA GLY B 74 2.16 -15.09 35.85
C GLY B 74 2.91 -13.85 35.42
N GLY B 75 2.17 -12.75 35.21
CA GLY B 75 2.83 -11.52 34.80
C GLY B 75 3.20 -11.41 33.33
N VAL B 76 2.87 -12.44 32.55
CA VAL B 76 3.19 -12.42 31.12
C VAL B 76 2.44 -11.27 30.44
N LYS B 77 3.18 -10.38 29.79
CA LYS B 77 2.57 -9.23 29.13
C LYS B 77 2.73 -9.24 27.61
N LYS B 78 3.47 -10.23 27.10
CA LYS B 78 3.70 -10.37 25.66
C LYS B 78 4.01 -11.82 25.31
N ILE B 79 3.65 -12.22 24.10
CA ILE B 79 3.91 -13.57 23.62
C ILE B 79 4.05 -13.57 22.11
N HIS B 80 4.78 -14.55 21.59
CA HIS B 80 4.96 -14.68 20.15
C HIS B 80 4.03 -15.79 19.68
N ILE B 81 3.28 -15.53 18.62
CA ILE B 81 2.39 -16.55 18.07
C ILE B 81 2.47 -16.53 16.55
N PRO B 82 2.22 -17.68 15.91
CA PRO B 82 2.26 -17.80 14.45
C PRO B 82 1.30 -16.80 13.80
N SER B 83 1.76 -16.10 12.77
CA SER B 83 0.90 -15.14 12.09
C SER B 83 -0.28 -15.81 11.38
N GLU B 84 -0.14 -17.10 11.08
CA GLU B 84 -1.21 -17.82 10.41
C GLU B 84 -2.44 -18.04 11.27
N LYS B 85 -2.32 -17.82 12.58
CA LYS B 85 -3.44 -18.04 13.48
C LYS B 85 -4.39 -16.87 13.69
N ILE B 86 -3.97 -15.68 13.27
CA ILE B 86 -4.79 -14.50 13.47
C ILE B 86 -5.25 -13.81 12.19
N TRP B 87 -6.17 -12.87 12.35
CA TRP B 87 -6.65 -12.08 11.24
C TRP B 87 -5.48 -11.20 10.85
N ARG B 88 -5.35 -10.94 9.55
CA ARG B 88 -4.29 -10.05 9.04
C ARG B 88 -4.93 -9.21 7.95
N PRO B 89 -4.45 -7.98 7.76
CA PRO B 89 -5.02 -7.10 6.73
C PRO B 89 -4.72 -7.50 5.28
N ASP B 90 -3.76 -8.40 5.10
CA ASP B 90 -3.34 -8.86 3.77
C ASP B 90 -2.82 -7.72 2.90
N VAL B 91 -1.82 -7.00 3.42
CA VAL B 91 -1.19 -5.92 2.68
C VAL B 91 -0.30 -6.63 1.66
N VAL B 92 -0.38 -6.22 0.40
CA VAL B 92 0.42 -6.84 -0.65
C VAL B 92 1.16 -5.82 -1.53
N LEU B 93 2.23 -6.26 -2.16
CA LEU B 93 3.01 -5.42 -3.07
C LEU B 93 2.35 -5.69 -4.42
N TYR B 94 1.89 -4.69 -5.15
CA TYR B 94 1.30 -5.08 -6.41
C TYR B 94 1.84 -4.53 -7.72
N ASN B 95 3.11 -4.16 -7.71
CA ASN B 95 3.75 -3.73 -8.95
C ASN B 95 5.10 -4.45 -8.92
N ASN B 96 5.00 -5.75 -8.67
CA ASN B 96 6.09 -6.69 -8.65
C ASN B 96 6.45 -6.96 -10.11
N ALA B 97 7.67 -6.64 -10.52
CA ALA B 97 8.09 -6.79 -11.92
C ALA B 97 7.88 -8.19 -12.50
N ASP B 98 8.46 -9.21 -11.85
CA ASP B 98 8.29 -10.59 -12.28
C ASP B 98 7.30 -11.34 -11.33
N GLY B 99 6.14 -11.84 -11.84
CA GLY B 99 5.22 -12.69 -11.01
C GLY B 99 3.77 -12.26 -10.66
N ASP B 100 3.62 -10.98 -10.34
CA ASP B 100 2.41 -10.23 -9.93
C ASP B 100 2.27 -10.10 -8.40
N PHE B 101 3.07 -10.82 -7.60
CA PHE B 101 3.18 -10.57 -6.13
C PHE B 101 4.51 -11.15 -5.66
N ALA B 102 5.11 -10.51 -4.66
CA ALA B 102 6.44 -10.86 -4.16
C ALA B 102 6.48 -12.11 -3.28
N ILE B 103 7.70 -12.55 -2.98
CA ILE B 103 7.96 -13.70 -2.13
C ILE B 103 7.91 -13.22 -0.68
N VAL B 104 7.14 -13.88 0.17
CA VAL B 104 7.06 -13.47 1.56
C VAL B 104 7.13 -14.66 2.51
N LYS B 105 7.50 -14.37 3.75
CA LYS B 105 7.59 -15.40 4.76
C LYS B 105 6.76 -14.96 5.96
N PHE B 106 5.73 -15.74 6.28
CA PHE B 106 4.86 -15.43 7.39
C PHE B 106 5.56 -15.79 8.70
N THR B 107 6.26 -14.82 9.27
CA THR B 107 6.96 -15.00 10.52
C THR B 107 5.98 -14.80 11.68
N LYS B 108 6.44 -15.05 12.90
CA LYS B 108 5.60 -14.89 14.09
C LYS B 108 5.31 -13.42 14.37
N VAL B 109 4.24 -13.15 15.11
CA VAL B 109 3.89 -11.79 15.47
C VAL B 109 4.16 -11.62 16.95
N LEU B 110 4.28 -10.36 17.37
CA LEU B 110 4.48 -10.04 18.78
C LEU B 110 3.12 -9.50 19.22
N LEU B 111 2.55 -10.13 20.23
CA LEU B 111 1.24 -9.71 20.74
C LEU B 111 1.35 -9.35 22.22
N ASP B 112 0.84 -8.19 22.61
CA ASP B 112 0.87 -7.85 24.04
C ASP B 112 -0.56 -7.90 24.58
N TYR B 113 -0.67 -7.89 25.92
CA TYR B 113 -1.97 -8.00 26.58
C TYR B 113 -3.04 -7.00 26.18
N THR B 114 -2.66 -5.94 25.48
CA THR B 114 -3.63 -4.93 25.03
C THR B 114 -4.21 -5.28 23.68
N GLY B 115 -3.69 -6.35 23.09
CA GLY B 115 -4.17 -6.79 21.80
C GLY B 115 -3.40 -6.15 20.67
N HIS B 116 -2.34 -5.43 21.01
CA HIS B 116 -1.51 -4.78 20.01
C HIS B 116 -0.60 -5.80 19.33
N ILE B 117 -0.64 -5.79 18.00
CA ILE B 117 0.15 -6.72 17.21
C ILE B 117 1.27 -6.04 16.43
N THR B 118 2.43 -6.68 16.42
CA THR B 118 3.58 -6.18 15.66
C THR B 118 4.04 -7.35 14.79
N TRP B 119 3.94 -7.19 13.48
CA TRP B 119 4.33 -8.23 12.54
C TRP B 119 5.34 -7.65 11.56
N THR B 120 6.49 -8.31 11.40
CA THR B 120 7.54 -7.81 10.52
C THR B 120 8.03 -8.88 9.56
N PRO B 121 7.14 -9.37 8.69
CA PRO B 121 7.51 -10.40 7.73
C PRO B 121 8.53 -9.97 6.68
N PRO B 122 9.52 -10.84 6.39
CA PRO B 122 10.51 -10.47 5.37
C PRO B 122 9.92 -10.80 4.00
N ALA B 123 10.46 -10.13 2.97
CA ALA B 123 9.98 -10.37 1.61
C ALA B 123 11.04 -9.97 0.59
N ILE B 124 10.88 -10.50 -0.62
CA ILE B 124 11.77 -10.21 -1.72
C ILE B 124 10.89 -9.48 -2.73
N PHE B 125 11.17 -8.20 -2.95
CA PHE B 125 10.40 -7.39 -3.88
C PHE B 125 11.17 -7.18 -5.18
N LYS B 126 10.45 -7.16 -6.29
CA LYS B 126 11.06 -6.90 -7.59
C LYS B 126 10.38 -5.63 -8.06
N SER B 127 11.15 -4.57 -8.28
CA SER B 127 10.59 -3.29 -8.69
C SER B 127 11.11 -2.76 -10.01
N TYR B 128 10.22 -2.16 -10.79
CA TYR B 128 10.61 -1.56 -12.05
C TYR B 128 11.18 -0.20 -11.67
N CYS B 129 12.23 0.24 -12.35
CA CYS B 129 12.81 1.54 -12.02
C CYS B 129 12.76 2.45 -13.25
N GLU B 130 12.51 3.73 -12.99
CA GLU B 130 12.43 4.73 -14.06
C GLU B 130 13.74 5.51 -14.09
N ILE B 131 14.37 5.57 -15.26
CA ILE B 131 15.62 6.30 -15.39
C ILE B 131 15.38 7.80 -15.24
N ILE B 132 16.14 8.44 -14.36
CA ILE B 132 16.01 9.86 -14.17
C ILE B 132 16.89 10.51 -15.24
N VAL B 133 16.26 10.84 -16.36
CA VAL B 133 16.95 11.43 -17.49
C VAL B 133 17.00 12.95 -17.45
N THR B 134 17.16 13.51 -16.25
CA THR B 134 17.22 14.95 -16.18
C THR B 134 18.64 15.40 -16.52
N HIS B 135 19.62 14.88 -15.79
CA HIS B 135 21.01 15.26 -16.02
C HIS B 135 21.98 14.16 -16.41
N PHE B 136 23.02 14.59 -17.13
CA PHE B 136 24.06 13.68 -17.57
C PHE B 136 25.14 13.58 -16.50
N PRO B 137 25.62 12.34 -16.25
CA PRO B 137 25.11 11.18 -16.96
C PRO B 137 23.81 10.76 -16.30
N PHE B 138 23.10 9.86 -16.96
CA PHE B 138 21.84 9.39 -16.43
C PHE B 138 22.05 8.12 -15.66
N ASP B 139 22.81 8.29 -14.59
CA ASP B 139 23.19 7.22 -13.69
C ASP B 139 22.29 7.16 -12.45
N GLU B 140 21.05 7.64 -12.60
CA GLU B 140 20.09 7.64 -11.50
C GLU B 140 18.76 7.03 -11.91
N GLN B 141 18.24 6.13 -11.08
CA GLN B 141 16.93 5.54 -11.38
C GLN B 141 16.04 5.57 -10.15
N ASN B 142 14.75 5.68 -10.41
CA ASN B 142 13.73 5.79 -9.37
C ASN B 142 12.90 4.51 -9.33
N CYS B 143 13.07 3.74 -8.27
CA CYS B 143 12.35 2.47 -8.12
C CYS B 143 11.22 2.62 -7.13
N SER B 144 10.04 2.10 -7.47
CA SER B 144 8.91 2.21 -6.55
C SER B 144 8.29 0.88 -6.17
N MET B 145 7.60 0.87 -5.04
CA MET B 145 6.95 -0.31 -4.50
C MET B 145 5.61 0.17 -3.98
N LYS B 146 4.52 -0.33 -4.58
CA LYS B 146 3.17 0.06 -4.18
C LYS B 146 2.55 -1.00 -3.29
N LEU B 147 2.10 -0.59 -2.10
CA LEU B 147 1.52 -1.50 -1.12
C LEU B 147 0.10 -1.14 -0.74
N GLY B 148 -0.74 -2.15 -0.58
CA GLY B 148 -2.12 -1.92 -0.21
C GLY B 148 -2.80 -3.23 0.13
N THR B 149 -3.92 -3.17 0.84
CA THR B 149 -4.64 -4.38 1.19
C THR B 149 -5.18 -5.04 -0.07
N ARG B 150 -5.07 -6.35 -0.15
CA ARG B 150 -5.52 -7.08 -1.34
C ARG B 150 -7.03 -7.00 -1.57
N THR B 151 -7.79 -7.10 -0.50
CA THR B 151 -9.24 -7.09 -0.62
C THR B 151 -9.99 -5.93 0.03
N TYR B 152 -9.66 -5.61 1.27
CA TYR B 152 -10.35 -4.53 1.97
C TYR B 152 -10.14 -3.17 1.33
N ASP B 153 -11.19 -2.35 1.34
CA ASP B 153 -11.07 -0.99 0.81
C ASP B 153 -10.89 -0.05 1.99
N GLY B 154 -10.77 1.24 1.72
CA GLY B 154 -10.54 2.23 2.76
C GLY B 154 -11.57 2.38 3.86
N SER B 155 -12.78 1.87 3.66
CA SER B 155 -13.82 1.97 4.68
C SER B 155 -13.78 0.81 5.67
N ALA B 156 -12.92 -0.18 5.41
CA ALA B 156 -12.80 -1.35 6.28
C ALA B 156 -11.47 -1.37 7.01
N VAL B 157 -10.40 -1.07 6.27
CA VAL B 157 -9.07 -1.03 6.85
C VAL B 157 -8.30 0.17 6.33
N ALA B 158 -7.66 0.89 7.23
CA ALA B 158 -6.89 2.06 6.83
C ALA B 158 -5.44 1.81 7.14
N ILE B 159 -4.58 1.97 6.13
CA ILE B 159 -3.16 1.79 6.35
C ILE B 159 -2.57 3.18 6.43
N ASN B 160 -1.70 3.39 7.41
CA ASN B 160 -1.09 4.69 7.62
C ASN B 160 0.43 4.48 7.69
N PRO B 161 1.20 5.29 6.95
CA PRO B 161 2.66 5.13 7.00
C PRO B 161 3.19 5.39 8.40
N GLU B 162 4.10 4.53 8.84
CA GLU B 162 4.71 4.69 10.16
C GLU B 162 5.60 5.93 10.13
N SER B 163 6.12 6.23 8.94
CA SER B 163 7.00 7.38 8.75
C SER B 163 6.97 7.84 7.30
N ASP B 164 7.33 9.10 7.06
CA ASP B 164 7.36 9.65 5.71
C ASP B 164 8.47 9.01 4.90
N GLN B 165 9.46 8.45 5.59
CA GLN B 165 10.57 7.80 4.89
C GLN B 165 10.72 6.34 5.29
N PRO B 166 11.08 5.48 4.33
CA PRO B 166 11.24 4.06 4.69
C PRO B 166 12.36 3.96 5.73
N ASP B 167 12.33 2.89 6.52
CA ASP B 167 13.34 2.67 7.55
C ASP B 167 14.58 2.03 6.92
N LEU B 168 15.68 2.77 6.94
CA LEU B 168 16.93 2.29 6.39
C LEU B 168 17.96 2.01 7.49
N SER B 169 17.50 1.98 8.74
CA SER B 169 18.42 1.75 9.85
C SER B 169 19.06 0.37 9.83
N ASN B 170 18.49 -0.54 9.04
CA ASN B 170 19.05 -1.89 8.95
C ASN B 170 19.39 -2.23 7.50
N PHE B 171 19.60 -1.19 6.71
CA PHE B 171 19.93 -1.36 5.31
C PHE B 171 21.43 -1.59 5.14
N MET B 172 21.79 -2.62 4.37
CA MET B 172 23.20 -2.93 4.12
C MET B 172 23.56 -2.31 2.77
N GLU B 173 24.36 -1.26 2.82
CA GLU B 173 24.76 -0.55 1.60
C GLU B 173 25.53 -1.41 0.62
N SER B 174 25.46 -1.00 -0.64
CA SER B 174 26.16 -1.68 -1.71
C SER B 174 27.51 -1.02 -1.84
N GLY B 175 28.39 -1.64 -2.61
CA GLY B 175 29.68 -1.03 -2.85
C GLY B 175 29.62 -0.27 -4.15
N GLU B 176 28.57 -0.49 -4.93
CA GLU B 176 28.44 0.16 -6.24
C GLU B 176 27.26 1.11 -6.46
N TRP B 177 26.28 1.09 -5.55
CA TRP B 177 25.14 1.97 -5.70
C TRP B 177 24.85 2.64 -4.36
N VAL B 178 24.24 3.81 -4.40
CA VAL B 178 23.89 4.52 -3.18
C VAL B 178 22.44 4.97 -3.29
N ILE B 179 21.70 4.93 -2.19
CA ILE B 179 20.32 5.39 -2.19
C ILE B 179 20.41 6.85 -1.82
N LYS B 180 20.05 7.72 -2.78
CA LYS B 180 20.12 9.16 -2.60
C LYS B 180 18.89 9.76 -1.94
N GLU B 181 17.74 9.16 -2.19
CA GLU B 181 16.50 9.66 -1.62
C GLU B 181 15.50 8.53 -1.52
N ALA B 182 14.62 8.60 -0.53
CA ALA B 182 13.59 7.59 -0.32
C ALA B 182 12.44 8.16 0.48
N ARG B 183 11.22 7.92 0.00
CA ARG B 183 10.02 8.40 0.68
C ARG B 183 8.80 7.57 0.38
N GLY B 184 7.82 7.61 1.27
CA GLY B 184 6.58 6.89 1.08
C GLY B 184 5.43 7.90 1.02
N TRP B 185 4.51 7.70 0.07
CA TRP B 185 3.36 8.57 -0.08
C TRP B 185 2.05 7.77 -0.09
N LYS B 186 1.08 8.20 0.72
CA LYS B 186 -0.20 7.53 0.78
C LYS B 186 -1.14 8.12 -0.27
N HIS B 187 -1.93 7.27 -0.92
CA HIS B 187 -2.88 7.72 -1.94
C HIS B 187 -4.26 7.10 -1.73
N TRP B 188 -5.26 7.82 -2.23
CA TRP B 188 -6.66 7.43 -2.18
C TRP B 188 -7.00 7.21 -3.65
N VAL B 189 -7.19 5.95 -4.02
CA VAL B 189 -7.45 5.58 -5.40
C VAL B 189 -8.84 5.01 -5.62
N PHE B 190 -9.48 5.44 -6.70
CA PHE B 190 -10.82 4.97 -7.04
C PHE B 190 -10.78 3.98 -8.19
N TYR B 191 -11.59 2.92 -8.08
CA TYR B 191 -11.70 1.90 -9.10
C TYR B 191 -13.10 1.90 -9.69
N SER B 192 -13.22 1.43 -10.92
CA SER B 192 -14.50 1.41 -11.64
C SER B 192 -15.64 0.72 -10.94
N CYS B 193 -15.32 -0.24 -10.08
CA CYS B 193 -16.31 -1.01 -9.34
C CYS B 193 -17.02 -0.23 -8.28
N CYS B 194 -16.33 0.80 -7.81
CA CYS B 194 -16.81 1.49 -6.65
C CYS B 194 -16.68 3.04 -6.66
N PRO B 195 -17.76 3.75 -7.01
CA PRO B 195 -17.73 5.22 -7.07
C PRO B 195 -17.62 6.00 -5.77
N THR B 196 -17.95 5.38 -4.64
CA THR B 196 -17.90 6.10 -3.37
C THR B 196 -16.76 5.74 -2.42
N THR B 197 -16.36 4.47 -2.43
CA THR B 197 -15.29 4.02 -1.53
C THR B 197 -13.92 3.95 -2.21
N PRO B 198 -12.94 4.67 -1.68
CA PRO B 198 -11.60 4.64 -2.26
C PRO B 198 -10.80 3.47 -1.69
N TYR B 199 -9.79 3.04 -2.42
CA TYR B 199 -8.88 1.99 -1.98
C TYR B 199 -7.61 2.75 -1.66
N LEU B 200 -6.91 2.33 -0.61
CA LEU B 200 -5.71 3.02 -0.19
C LEU B 200 -4.44 2.27 -0.53
N ASP B 201 -3.36 3.03 -0.72
CA ASP B 201 -2.08 2.43 -0.99
C ASP B 201 -1.02 3.37 -0.45
N ILE B 202 0.14 2.81 -0.14
CA ILE B 202 1.25 3.62 0.30
C ILE B 202 2.31 3.19 -0.70
N THR B 203 2.86 4.15 -1.43
CA THR B 203 3.86 3.83 -2.40
C THR B 203 5.20 4.36 -1.94
N TYR B 204 6.15 3.46 -1.75
CA TYR B 204 7.49 3.88 -1.34
C TYR B 204 8.36 3.88 -2.57
N HIS B 205 9.30 4.82 -2.63
CA HIS B 205 10.22 4.88 -3.75
C HIS B 205 11.60 5.26 -3.24
N PHE B 206 12.62 4.83 -3.96
CA PHE B 206 13.97 5.19 -3.60
C PHE B 206 14.74 5.48 -4.88
N VAL B 207 15.54 6.52 -4.84
CA VAL B 207 16.35 6.91 -5.98
C VAL B 207 17.73 6.36 -5.72
N MET B 208 18.23 5.53 -6.63
CA MET B 208 19.54 4.95 -6.45
C MET B 208 20.47 5.44 -7.55
N GLN B 209 21.75 5.60 -7.21
CA GLN B 209 22.71 6.09 -8.16
C GLN B 209 23.98 5.26 -8.19
N ARG B 210 24.49 5.00 -9.38
CA ARG B 210 25.71 4.24 -9.58
C ARG B 210 26.90 5.08 -9.07
N LEU B 211 27.78 4.48 -8.26
CA LEU B 211 28.93 5.22 -7.76
C LEU B 211 29.95 5.33 -8.88
N PRO B 212 30.72 6.43 -8.92
CA PRO B 212 31.73 6.63 -9.97
C PRO B 212 32.87 5.61 -9.93
#